data_1G4P
#
_entry.id   1G4P
#
_cell.length_a   76.280
_cell.length_b   76.280
_cell.length_c   139.590
_cell.angle_alpha   90.00
_cell.angle_beta   90.00
_cell.angle_gamma   90.00
#
_symmetry.space_group_name_H-M   'P 43 21 2'
#
loop_
_entity.id
_entity.type
_entity.pdbx_description
1 polymer 'THIAMIN PHOSPHATE SYNTHASE'
2 non-polymer 'MAGNESIUM ION'
3 non-polymer '4-AMINO-2-TRIFLUOROMETHYL-5-HYDROXYMETHYLPYRIMIDINE PYROPHOSPHATE'
4 water water
#
_entity_poly.entity_id   1
_entity_poly.type   'polypeptide(L)'
_entity_poly.pdbx_seq_one_letter_code
;HGIRMTRISREMMKELLSVYFIMGSNNTKADPVTVVQKALKGGATLYQFREKGGDALTGEARIKFAEKAQAACREAGVPF
IVNDDVELALNLKADGIHIGQEDANAKEVRAAIGDMILGVAAHTMSEVKQAEEDGADYVGLGPIYPTETKKDTRAVQGVS
LIEAVRRQGISIPIVGIGGITIDNAAPVIQAGADGVSMISAISQAEDPESAARKFREEIQTYKTGR
;
_entity_poly.pdbx_strand_id   A,B
#
loop_
_chem_comp.id
_chem_comp.type
_chem_comp.name
_chem_comp.formula
FQP non-polymer '4-AMINO-2-TRIFLUOROMETHYL-5-HYDROXYMETHYLPYRIMIDINE PYROPHOSPHATE' 'C6 H8 F3 N3 O7 P2'
MG non-polymer 'MAGNESIUM ION' 'Mg 2'
#
# COMPACT_ATOMS: atom_id res chain seq x y z
N HIS A 1 9.95 -2.76 -1.51
CA HIS A 1 8.76 -3.66 -1.63
C HIS A 1 7.50 -2.87 -1.98
N GLY A 2 7.13 -2.92 -3.25
CA GLY A 2 5.95 -2.22 -3.70
C GLY A 2 4.85 -3.20 -4.01
N ILE A 3 3.88 -2.78 -4.80
CA ILE A 3 2.76 -3.64 -5.17
C ILE A 3 3.29 -4.73 -6.12
N ARG A 4 3.20 -5.99 -5.70
CA ARG A 4 3.67 -7.09 -6.52
C ARG A 4 2.75 -7.35 -7.71
N MET A 5 3.36 -7.53 -8.87
CA MET A 5 2.64 -7.81 -10.10
C MET A 5 3.00 -9.21 -10.57
N THR A 6 3.78 -9.91 -9.76
CA THR A 6 4.20 -11.28 -10.03
C THR A 6 4.38 -12.00 -8.69
N ARG A 7 4.33 -13.34 -8.72
CA ARG A 7 4.51 -14.10 -7.50
C ARG A 7 5.96 -13.92 -7.04
N ILE A 8 6.16 -13.84 -5.72
CA ILE A 8 7.49 -13.67 -5.16
C ILE A 8 8.34 -14.91 -5.43
N SER A 9 9.62 -14.70 -5.71
CA SER A 9 10.52 -15.82 -6.00
C SER A 9 10.98 -16.52 -4.73
N ARG A 10 11.22 -17.82 -4.85
CA ARG A 10 11.68 -18.61 -3.72
C ARG A 10 12.99 -18.08 -3.14
N GLU A 11 13.88 -17.58 -3.99
CA GLU A 11 15.14 -17.05 -3.49
C GLU A 11 14.89 -15.83 -2.60
N MET A 12 14.02 -14.92 -3.06
CA MET A 12 13.73 -13.72 -2.29
C MET A 12 12.84 -14.01 -1.08
N MET A 13 11.94 -14.97 -1.21
CA MET A 13 11.06 -15.33 -0.12
C MET A 13 11.90 -15.95 1.01
N LYS A 14 12.80 -16.86 0.64
CA LYS A 14 13.65 -17.51 1.61
C LYS A 14 14.58 -16.56 2.35
N GLU A 15 15.00 -15.48 1.68
CA GLU A 15 15.88 -14.50 2.33
C GLU A 15 15.11 -13.75 3.41
N LEU A 16 13.83 -13.51 3.16
CA LEU A 16 12.98 -12.77 4.10
C LEU A 16 12.64 -13.55 5.37
N LEU A 17 12.48 -14.86 5.25
CA LEU A 17 12.11 -15.71 6.39
C LEU A 17 13.18 -15.91 7.46
N SER A 18 14.42 -15.51 7.16
CA SER A 18 15.56 -15.63 8.07
C SER A 18 15.23 -15.39 9.54
N VAL A 19 14.89 -14.14 9.85
CA VAL A 19 14.54 -13.70 11.20
C VAL A 19 13.15 -13.07 11.02
N TYR A 20 12.12 -13.86 11.31
CA TYR A 20 10.74 -13.44 11.12
C TYR A 20 10.02 -13.13 12.43
N PHE A 21 9.91 -11.85 12.75
CA PHE A 21 9.26 -11.39 13.98
C PHE A 21 7.73 -11.32 13.88
N ILE A 22 7.07 -11.94 14.84
CA ILE A 22 5.61 -11.96 14.92
C ILE A 22 5.24 -11.26 16.22
N MET A 23 4.25 -10.37 16.20
CA MET A 23 3.88 -9.69 17.43
C MET A 23 2.54 -8.97 17.47
N GLY A 24 1.95 -8.95 18.67
CA GLY A 24 0.69 -8.28 18.92
C GLY A 24 0.87 -7.41 20.16
N SER A 25 -0.08 -6.51 20.43
CA SER A 25 0.03 -5.61 21.57
C SER A 25 0.12 -6.36 22.90
N ASN A 26 -0.46 -7.56 22.95
CA ASN A 26 -0.45 -8.34 24.17
C ASN A 26 0.75 -9.26 24.38
N ASN A 27 1.74 -9.20 23.49
CA ASN A 27 2.90 -10.06 23.62
C ASN A 27 4.08 -9.32 24.26
N THR A 28 3.87 -8.09 24.71
CA THR A 28 4.94 -7.32 25.34
C THR A 28 4.43 -6.36 26.39
N LYS A 29 5.28 -6.07 27.37
CA LYS A 29 4.93 -5.17 28.46
C LYS A 29 5.28 -3.73 28.13
N ALA A 30 6.07 -3.54 27.09
CA ALA A 30 6.49 -2.20 26.70
C ALA A 30 5.57 -1.67 25.62
N ASP A 31 6.00 -0.60 24.97
CA ASP A 31 5.19 -0.01 23.93
C ASP A 31 5.26 -0.87 22.66
N PRO A 32 4.11 -1.42 22.24
CA PRO A 32 4.00 -2.27 21.07
C PRO A 32 4.80 -1.81 19.86
N VAL A 33 4.46 -0.63 19.34
CA VAL A 33 5.17 -0.11 18.17
C VAL A 33 6.67 0.04 18.43
N THR A 34 7.02 0.62 19.57
CA THR A 34 8.43 0.82 19.93
C THR A 34 9.23 -0.48 19.89
N VAL A 35 8.60 -1.58 20.28
CA VAL A 35 9.27 -2.87 20.26
C VAL A 35 9.51 -3.29 18.82
N VAL A 36 8.50 -3.10 17.98
CA VAL A 36 8.60 -3.48 16.58
C VAL A 36 9.70 -2.69 15.89
N GLN A 37 9.76 -1.39 16.16
CA GLN A 37 10.78 -0.54 15.55
C GLN A 37 12.17 -1.05 15.93
N LYS A 38 12.31 -1.48 17.18
CA LYS A 38 13.60 -1.98 17.67
C LYS A 38 13.95 -3.32 17.06
N ALA A 39 12.94 -4.15 16.84
CA ALA A 39 13.16 -5.45 16.26
C ALA A 39 13.68 -5.27 14.85
N LEU A 40 13.12 -4.29 14.13
CA LEU A 40 13.53 -4.02 12.76
C LEU A 40 14.95 -3.44 12.78
N LYS A 41 15.14 -2.39 13.56
CA LYS A 41 16.43 -1.73 13.72
C LYS A 41 17.49 -2.80 13.99
N GLY A 42 17.07 -3.86 14.67
CA GLY A 42 17.99 -4.92 15.02
C GLY A 42 18.40 -5.85 13.89
N GLY A 43 17.50 -6.15 12.97
CA GLY A 43 17.84 -7.04 11.87
C GLY A 43 16.73 -7.98 11.42
N ALA A 44 15.56 -7.88 12.01
CA ALA A 44 14.43 -8.72 11.63
C ALA A 44 14.28 -8.51 10.12
N THR A 45 13.98 -9.58 9.38
CA THR A 45 13.87 -9.46 7.93
C THR A 45 12.43 -9.48 7.43
N LEU A 46 11.52 -9.78 8.33
CA LEU A 46 10.11 -9.85 7.98
C LEU A 46 9.32 -9.69 9.28
N TYR A 47 8.15 -9.08 9.17
CA TYR A 47 7.30 -8.90 10.34
C TYR A 47 5.85 -9.25 10.03
N GLN A 48 5.20 -9.82 11.02
CA GLN A 48 3.80 -10.23 10.91
C GLN A 48 2.99 -9.59 12.00
N PHE A 49 1.96 -8.86 11.60
CA PHE A 49 1.07 -8.22 12.53
C PHE A 49 0.08 -9.29 12.99
N ARG A 50 0.15 -9.65 14.26
CA ARG A 50 -0.72 -10.69 14.80
C ARG A 50 -1.43 -10.13 16.04
N GLU A 51 -2.65 -9.63 15.86
CA GLU A 51 -3.40 -9.04 16.97
C GLU A 51 -4.69 -9.81 17.26
N LYS A 52 -4.68 -10.61 18.31
CA LYS A 52 -5.86 -11.41 18.64
C LYS A 52 -5.79 -11.99 20.05
N GLY A 53 -6.94 -12.43 20.55
CA GLY A 53 -6.99 -13.03 21.87
C GLY A 53 -7.49 -12.12 22.96
N GLY A 54 -7.13 -12.46 24.20
CA GLY A 54 -7.57 -11.69 25.36
C GLY A 54 -7.26 -10.21 25.29
N ASP A 55 -6.10 -9.81 25.82
CA ASP A 55 -5.73 -8.40 25.80
C ASP A 55 -5.27 -7.94 24.43
N ALA A 56 -6.18 -8.04 23.46
CA ALA A 56 -5.87 -7.63 22.11
C ALA A 56 -6.77 -6.48 21.71
N LEU A 57 -6.24 -5.55 20.92
CA LEU A 57 -7.00 -4.40 20.44
C LEU A 57 -8.04 -4.84 19.44
N THR A 58 -9.11 -4.06 19.31
CA THR A 58 -10.19 -4.35 18.36
C THR A 58 -10.60 -3.05 17.68
N GLY A 59 -11.56 -3.14 16.77
CA GLY A 59 -12.03 -1.97 16.06
C GLY A 59 -10.95 -1.04 15.55
N GLU A 60 -11.25 0.25 15.56
CA GLU A 60 -10.34 1.27 15.06
C GLU A 60 -8.99 1.22 15.75
N ALA A 61 -8.97 0.97 17.06
CA ALA A 61 -7.71 0.90 17.80
C ALA A 61 -6.76 -0.04 17.09
N ARG A 62 -7.24 -1.25 16.81
CA ARG A 62 -6.45 -2.27 16.12
C ARG A 62 -5.88 -1.74 14.80
N ILE A 63 -6.77 -1.31 13.91
CA ILE A 63 -6.38 -0.78 12.61
C ILE A 63 -5.27 0.27 12.65
N LYS A 64 -5.39 1.23 13.55
CA LYS A 64 -4.38 2.27 13.67
C LYS A 64 -3.04 1.70 14.15
N PHE A 65 -3.11 0.73 15.07
CA PHE A 65 -1.90 0.09 15.56
C PHE A 65 -1.23 -0.58 14.37
N ALA A 66 -2.03 -1.22 13.52
CA ALA A 66 -1.52 -1.89 12.32
C ALA A 66 -0.84 -0.92 11.37
N GLU A 67 -1.45 0.25 11.19
CA GLU A 67 -0.89 1.25 10.29
C GLU A 67 0.45 1.74 10.83
N LYS A 68 0.58 1.84 12.14
CA LYS A 68 1.83 2.32 12.69
C LYS A 68 2.92 1.28 12.55
N ALA A 69 2.55 0.02 12.75
CA ALA A 69 3.48 -1.08 12.63
C ALA A 69 3.97 -1.15 11.18
N GLN A 70 3.01 -1.03 10.26
CA GLN A 70 3.31 -1.07 8.83
C GLN A 70 4.22 0.08 8.45
N ALA A 71 3.98 1.25 9.03
CA ALA A 71 4.79 2.43 8.74
C ALA A 71 6.23 2.18 9.15
N ALA A 72 6.40 1.57 10.33
CA ALA A 72 7.73 1.26 10.83
C ALA A 72 8.42 0.25 9.91
N CYS A 73 7.65 -0.65 9.32
CA CYS A 73 8.22 -1.64 8.41
C CYS A 73 8.67 -0.94 7.13
N ARG A 74 7.93 0.10 6.76
CA ARG A 74 8.24 0.86 5.56
C ARG A 74 9.61 1.53 5.73
N GLU A 75 9.78 2.26 6.83
CA GLU A 75 11.05 2.93 7.10
C GLU A 75 12.22 1.98 7.05
N ALA A 76 12.08 0.82 7.70
CA ALA A 76 13.15 -0.17 7.72
C ALA A 76 13.30 -0.88 6.37
N GLY A 77 12.29 -0.80 5.52
CA GLY A 77 12.37 -1.47 4.23
C GLY A 77 12.18 -2.96 4.35
N VAL A 78 11.35 -3.38 5.30
CA VAL A 78 11.04 -4.79 5.56
C VAL A 78 9.56 -5.02 5.25
N PRO A 79 9.23 -6.16 4.61
CA PRO A 79 7.83 -6.43 4.28
C PRO A 79 6.92 -6.56 5.49
N PHE A 80 5.70 -6.04 5.35
CA PHE A 80 4.70 -6.07 6.41
C PHE A 80 3.69 -7.18 6.12
N ILE A 81 3.65 -8.18 6.99
CA ILE A 81 2.70 -9.29 6.81
C ILE A 81 1.59 -9.24 7.85
N VAL A 82 0.36 -9.53 7.42
CA VAL A 82 -0.80 -9.54 8.31
C VAL A 82 -1.18 -10.99 8.60
N ASN A 83 -1.77 -11.24 9.77
CA ASN A 83 -2.17 -12.59 10.14
C ASN A 83 -3.70 -12.76 10.19
N ASP A 84 -4.17 -13.91 9.70
CA ASP A 84 -5.59 -14.26 9.67
C ASP A 84 -6.47 -13.36 8.82
N ASP A 85 -6.53 -12.08 9.19
CA ASP A 85 -7.36 -11.07 8.54
C ASP A 85 -7.03 -10.65 7.10
N VAL A 86 -7.67 -11.29 6.13
CA VAL A 86 -7.46 -10.98 4.72
C VAL A 86 -7.97 -9.57 4.37
N GLU A 87 -9.17 -9.23 4.87
CA GLU A 87 -9.77 -7.92 4.60
C GLU A 87 -8.83 -6.77 4.98
N LEU A 88 -8.19 -6.87 6.14
CA LEU A 88 -7.28 -5.83 6.60
C LEU A 88 -6.00 -5.81 5.76
N ALA A 89 -5.51 -7.00 5.41
CA ALA A 89 -4.29 -7.10 4.60
C ALA A 89 -4.43 -6.31 3.31
N LEU A 90 -5.58 -6.48 2.66
CA LEU A 90 -5.88 -5.81 1.40
C LEU A 90 -6.08 -4.31 1.55
N ASN A 91 -6.70 -3.89 2.66
CA ASN A 91 -6.97 -2.49 2.90
C ASN A 91 -5.73 -1.66 3.18
N LEU A 92 -4.78 -2.24 3.90
CA LEU A 92 -3.54 -1.55 4.21
C LEU A 92 -2.53 -1.76 3.11
N LYS A 93 -2.92 -2.52 2.08
CA LYS A 93 -2.03 -2.86 0.98
C LYS A 93 -0.79 -3.46 1.63
N ALA A 94 -0.99 -4.52 2.41
CA ALA A 94 0.12 -5.19 3.08
C ALA A 94 0.87 -6.05 2.07
N ASP A 95 2.11 -6.38 2.39
CA ASP A 95 2.93 -7.19 1.49
C ASP A 95 2.51 -8.65 1.51
N GLY A 96 1.82 -9.06 2.57
CA GLY A 96 1.39 -10.43 2.65
C GLY A 96 0.37 -10.72 3.74
N ILE A 97 -0.10 -11.95 3.74
CA ILE A 97 -1.08 -12.44 4.69
C ILE A 97 -0.67 -13.85 5.11
N HIS A 98 -0.94 -14.21 6.35
CA HIS A 98 -0.62 -15.56 6.80
C HIS A 98 -1.89 -16.25 7.31
N ILE A 99 -2.04 -17.53 7.00
CA ILE A 99 -3.20 -18.29 7.44
C ILE A 99 -2.86 -19.67 7.97
N GLY A 100 -3.75 -20.20 8.81
CA GLY A 100 -3.56 -21.52 9.37
C GLY A 100 -4.57 -22.49 8.80
N GLN A 101 -4.66 -23.69 9.39
CA GLN A 101 -5.58 -24.72 8.94
C GLN A 101 -7.03 -24.45 9.32
N GLU A 102 -7.25 -23.58 10.31
CA GLU A 102 -8.61 -23.28 10.73
C GLU A 102 -9.09 -21.96 10.19
N ASP A 103 -8.23 -21.26 9.45
CA ASP A 103 -8.59 -19.98 8.87
C ASP A 103 -9.20 -20.18 7.49
N ALA A 104 -9.45 -19.10 6.77
CA ALA A 104 -10.02 -19.20 5.42
C ALA A 104 -9.17 -20.12 4.56
N ASN A 105 -9.81 -20.82 3.63
CA ASN A 105 -9.10 -21.74 2.74
C ASN A 105 -8.06 -20.99 1.92
N ALA A 106 -6.86 -21.57 1.81
CA ALA A 106 -5.77 -20.96 1.07
C ALA A 106 -6.15 -20.63 -0.37
N LYS A 107 -6.90 -21.52 -1.01
CA LYS A 107 -7.34 -21.31 -2.40
C LYS A 107 -8.07 -19.98 -2.55
N GLU A 108 -9.04 -19.76 -1.68
CA GLU A 108 -9.82 -18.51 -1.69
C GLU A 108 -8.92 -17.31 -1.45
N VAL A 109 -8.14 -17.38 -0.38
CA VAL A 109 -7.26 -16.29 -0.02
C VAL A 109 -6.35 -15.92 -1.18
N ARG A 110 -5.76 -16.92 -1.83
CA ARG A 110 -4.85 -16.67 -2.95
C ARG A 110 -5.55 -15.94 -4.09
N ALA A 111 -6.80 -16.30 -4.32
CA ALA A 111 -7.60 -15.68 -5.36
C ALA A 111 -7.94 -14.23 -5.01
N ALA A 112 -8.14 -13.97 -3.74
CA ALA A 112 -8.49 -12.63 -3.28
C ALA A 112 -7.31 -11.67 -3.10
N ILE A 113 -6.10 -12.22 -2.94
CA ILE A 113 -4.91 -11.36 -2.72
C ILE A 113 -3.98 -11.14 -3.93
N GLY A 114 -4.36 -11.67 -5.08
CA GLY A 114 -3.52 -11.50 -6.26
C GLY A 114 -2.13 -12.13 -6.09
N ASP A 115 -1.10 -11.32 -6.24
CA ASP A 115 0.27 -11.81 -6.12
C ASP A 115 0.92 -11.45 -4.80
N MET A 116 0.11 -11.12 -3.81
CA MET A 116 0.64 -10.80 -2.49
C MET A 116 1.33 -12.04 -1.90
N ILE A 117 2.21 -11.83 -0.93
CA ILE A 117 2.88 -12.95 -0.31
C ILE A 117 1.87 -13.73 0.53
N LEU A 118 1.93 -15.06 0.43
CA LEU A 118 1.02 -15.92 1.18
C LEU A 118 1.73 -16.98 2.03
N GLY A 119 1.48 -16.94 3.33
CA GLY A 119 2.09 -17.91 4.23
C GLY A 119 1.04 -18.84 4.82
N VAL A 120 1.31 -20.14 4.78
CA VAL A 120 0.38 -21.13 5.32
C VAL A 120 1.03 -21.99 6.40
N ALA A 121 0.35 -22.10 7.53
CA ALA A 121 0.83 -22.90 8.65
C ALA A 121 0.57 -24.39 8.42
N ALA A 122 1.63 -25.18 8.36
CA ALA A 122 1.49 -26.63 8.13
C ALA A 122 1.98 -27.43 9.34
N HIS A 123 1.42 -28.61 9.52
CA HIS A 123 1.77 -29.48 10.63
C HIS A 123 2.01 -30.92 10.19
N THR A 124 1.62 -31.23 8.97
CA THR A 124 1.77 -32.57 8.43
C THR A 124 2.20 -32.53 6.97
N MET A 125 2.84 -33.60 6.50
CA MET A 125 3.29 -33.64 5.11
C MET A 125 2.13 -33.26 4.18
N SER A 126 0.95 -33.81 4.45
CA SER A 126 -0.22 -33.53 3.64
C SER A 126 -0.49 -32.04 3.55
N GLU A 127 -0.60 -31.38 4.71
CA GLU A 127 -0.88 -29.95 4.75
C GLU A 127 0.17 -29.14 4.01
N VAL A 128 1.42 -29.62 4.01
CA VAL A 128 2.49 -28.90 3.31
C VAL A 128 2.25 -29.00 1.81
N LYS A 129 2.01 -30.22 1.35
CA LYS A 129 1.78 -30.47 -0.07
C LYS A 129 0.56 -29.71 -0.57
N GLN A 130 -0.47 -29.66 0.27
CA GLN A 130 -1.70 -28.96 -0.07
C GLN A 130 -1.42 -27.45 -0.15
N ALA A 131 -0.69 -26.94 0.83
CA ALA A 131 -0.37 -25.52 0.87
C ALA A 131 0.33 -25.10 -0.42
N GLU A 132 1.23 -25.95 -0.90
CA GLU A 132 1.96 -25.65 -2.11
C GLU A 132 1.05 -25.55 -3.33
N GLU A 133 0.15 -26.51 -3.51
CA GLU A 133 -0.73 -26.42 -4.66
C GLU A 133 -1.80 -25.37 -4.47
N ASP A 134 -2.09 -25.00 -3.22
CA ASP A 134 -3.08 -23.96 -2.96
C ASP A 134 -2.49 -22.62 -3.36
N GLY A 135 -1.19 -22.59 -3.63
CA GLY A 135 -0.53 -21.37 -4.04
C GLY A 135 0.21 -20.58 -2.97
N ALA A 136 0.58 -21.24 -1.88
CA ALA A 136 1.30 -20.57 -0.78
C ALA A 136 2.75 -20.29 -1.19
N ASP A 137 3.29 -19.16 -0.76
CA ASP A 137 4.66 -18.79 -1.09
C ASP A 137 5.66 -19.33 -0.06
N TYR A 138 5.15 -19.81 1.06
CA TYR A 138 5.96 -20.39 2.13
C TYR A 138 5.03 -20.99 3.18
N VAL A 139 5.59 -21.84 4.04
CA VAL A 139 4.82 -22.49 5.10
C VAL A 139 5.54 -22.38 6.43
N GLY A 140 4.76 -22.34 7.51
CA GLY A 140 5.32 -22.26 8.85
C GLY A 140 5.08 -23.58 9.54
N LEU A 141 6.14 -24.36 9.68
CA LEU A 141 6.04 -25.67 10.30
C LEU A 141 6.34 -25.64 11.80
N GLY A 142 5.50 -26.33 12.58
CA GLY A 142 5.68 -26.37 14.03
C GLY A 142 4.43 -26.87 14.75
N PRO A 143 4.33 -26.68 16.07
CA PRO A 143 5.28 -26.01 16.97
C PRO A 143 6.52 -26.86 17.15
N ILE A 144 7.68 -26.26 16.90
CA ILE A 144 8.95 -26.97 17.03
C ILE A 144 9.33 -27.17 18.49
N TYR A 145 9.08 -26.16 19.31
CA TYR A 145 9.41 -26.22 20.73
C TYR A 145 8.20 -25.83 21.58
N PRO A 146 8.23 -26.17 22.88
CA PRO A 146 7.11 -25.84 23.77
C PRO A 146 7.14 -24.37 24.19
N THR A 153 -0.90 -25.87 22.94
CA THR A 153 -1.92 -26.77 22.42
C THR A 153 -1.42 -27.74 21.35
N ARG A 154 -1.37 -27.32 20.08
CA ARG A 154 -0.90 -28.21 19.00
C ARG A 154 0.42 -28.85 19.41
N ALA A 155 0.54 -30.15 19.18
CA ALA A 155 1.72 -30.93 19.57
C ALA A 155 3.09 -30.54 19.00
N VAL A 156 4.05 -30.39 19.91
CA VAL A 156 5.43 -30.06 19.56
C VAL A 156 5.98 -31.14 18.62
N GLN A 157 6.73 -30.75 17.60
CA GLN A 157 7.26 -31.71 16.64
C GLN A 157 8.75 -31.59 16.32
N GLY A 158 9.50 -30.85 17.13
CA GLY A 158 10.92 -30.69 16.86
C GLY A 158 11.11 -30.28 15.41
N VAL A 159 12.16 -30.80 14.77
CA VAL A 159 12.42 -30.48 13.38
C VAL A 159 12.18 -31.71 12.50
N SER A 160 11.34 -32.61 12.99
CA SER A 160 11.02 -33.86 12.28
C SER A 160 10.29 -33.62 10.95
N LEU A 161 9.23 -32.81 10.98
CA LEU A 161 8.48 -32.53 9.76
C LEU A 161 9.37 -31.78 8.78
N ILE A 162 10.13 -30.81 9.29
CA ILE A 162 11.03 -30.02 8.45
C ILE A 162 11.98 -30.95 7.71
N GLU A 163 12.43 -31.99 8.41
CA GLU A 163 13.35 -32.96 7.83
C GLU A 163 12.65 -33.88 6.85
N ALA A 164 11.39 -34.20 7.13
CA ALA A 164 10.64 -35.07 6.25
C ALA A 164 10.37 -34.36 4.92
N VAL A 165 10.04 -33.07 5.00
CA VAL A 165 9.75 -32.27 3.82
C VAL A 165 10.95 -32.18 2.88
N ARG A 166 12.14 -31.95 3.44
CA ARG A 166 13.33 -31.85 2.61
C ARG A 166 13.74 -33.20 2.06
N ARG A 167 13.40 -34.27 2.77
CA ARG A 167 13.75 -35.62 2.36
C ARG A 167 12.94 -36.02 1.11
N GLN A 168 11.73 -35.49 0.99
CA GLN A 168 10.91 -35.78 -0.17
C GLN A 168 11.31 -34.88 -1.33
N GLY A 169 12.41 -34.13 -1.16
CA GLY A 169 12.89 -33.25 -2.21
C GLY A 169 12.18 -31.92 -2.39
N ILE A 170 11.11 -31.68 -1.62
CA ILE A 170 10.34 -30.43 -1.69
C ILE A 170 11.18 -29.22 -1.24
N SER A 171 11.20 -28.19 -2.08
CA SER A 171 12.00 -27.00 -1.83
C SER A 171 11.24 -25.73 -1.43
N ILE A 172 9.94 -25.87 -1.15
CA ILE A 172 9.11 -24.75 -0.75
C ILE A 172 9.75 -23.99 0.42
N PRO A 173 9.70 -22.65 0.40
CA PRO A 173 10.29 -21.87 1.49
C PRO A 173 9.69 -22.28 2.84
N ILE A 174 10.54 -22.49 3.83
CA ILE A 174 10.07 -22.91 5.14
C ILE A 174 10.58 -22.01 6.27
N VAL A 175 9.70 -21.66 7.19
CA VAL A 175 10.09 -20.87 8.35
C VAL A 175 9.62 -21.69 9.55
N GLY A 176 10.48 -21.83 10.56
CA GLY A 176 10.11 -22.60 11.73
C GLY A 176 9.40 -21.73 12.75
N ILE A 177 8.50 -22.32 13.52
CA ILE A 177 7.76 -21.58 14.55
C ILE A 177 7.49 -22.41 15.80
N GLY A 178 7.59 -21.76 16.95
CA GLY A 178 7.33 -22.45 18.21
C GLY A 178 8.47 -22.45 19.23
N GLY A 179 8.31 -21.65 20.27
CA GLY A 179 9.30 -21.57 21.33
C GLY A 179 10.74 -21.42 20.88
N ILE A 180 10.95 -20.71 19.77
CA ILE A 180 12.30 -20.52 19.28
C ILE A 180 13.04 -19.40 19.99
N THR A 181 14.20 -19.73 20.51
CA THR A 181 15.06 -18.78 21.23
C THR A 181 16.41 -18.73 20.53
N ILE A 182 17.24 -17.77 20.93
CA ILE A 182 18.56 -17.64 20.33
C ILE A 182 19.39 -18.91 20.54
N ASP A 183 19.10 -19.63 21.61
CA ASP A 183 19.84 -20.85 21.91
C ASP A 183 19.37 -22.10 21.17
N ASN A 184 18.13 -22.14 20.72
CA ASN A 184 17.65 -23.33 20.01
C ASN A 184 17.32 -23.14 18.53
N ALA A 185 17.64 -21.97 17.99
CA ALA A 185 17.33 -21.68 16.60
C ALA A 185 18.20 -22.41 15.54
N ALA A 186 19.48 -22.64 15.84
CA ALA A 186 20.37 -23.29 14.88
C ALA A 186 19.87 -24.60 14.28
N PRO A 187 19.49 -25.58 15.12
CA PRO A 187 19.00 -26.86 14.63
C PRO A 187 17.89 -26.71 13.59
N VAL A 188 16.97 -25.79 13.87
CA VAL A 188 15.86 -25.51 12.97
C VAL A 188 16.40 -25.25 11.57
N ILE A 189 17.44 -24.43 11.49
CA ILE A 189 18.06 -24.08 10.22
C ILE A 189 18.75 -25.30 9.63
N GLN A 190 19.57 -25.94 10.44
CA GLN A 190 20.32 -27.12 10.04
C GLN A 190 19.40 -28.20 9.48
N ALA A 191 18.19 -28.27 10.02
CA ALA A 191 17.21 -29.26 9.58
C ALA A 191 16.73 -28.94 8.16
N GLY A 192 17.07 -27.73 7.69
CA GLY A 192 16.67 -27.32 6.35
C GLY A 192 15.69 -26.17 6.26
N ALA A 193 15.32 -25.57 7.39
CA ALA A 193 14.39 -24.45 7.36
C ALA A 193 15.10 -23.21 6.82
N ASP A 194 14.36 -22.35 6.13
CA ASP A 194 14.93 -21.14 5.57
C ASP A 194 14.96 -19.97 6.56
N GLY A 195 14.35 -20.16 7.73
CA GLY A 195 14.34 -19.12 8.74
C GLY A 195 13.62 -19.56 10.00
N VAL A 196 13.63 -18.70 11.02
CA VAL A 196 12.93 -19.00 12.27
C VAL A 196 12.00 -17.86 12.64
N SER A 197 10.89 -18.21 13.29
CA SER A 197 9.89 -17.25 13.73
C SER A 197 9.88 -17.18 15.24
N MET A 198 9.73 -15.98 15.79
CA MET A 198 9.69 -15.82 17.23
C MET A 198 8.81 -14.64 17.64
N ILE A 199 8.29 -14.70 18.84
CA ILE A 199 7.47 -13.64 19.40
C ILE A 199 8.15 -13.19 20.68
N SER A 200 8.01 -13.98 21.75
CA SER A 200 8.58 -13.64 23.04
C SER A 200 10.11 -13.49 23.09
N ALA A 201 10.83 -14.38 22.41
CA ALA A 201 12.29 -14.32 22.38
C ALA A 201 12.78 -12.91 22.07
N ILE A 202 11.94 -12.12 21.40
CA ILE A 202 12.29 -10.74 21.05
C ILE A 202 11.36 -9.73 21.71
N SER A 203 10.06 -9.97 21.60
CA SER A 203 9.06 -9.07 22.16
C SER A 203 9.17 -8.91 23.67
N GLN A 204 9.70 -9.91 24.34
CA GLN A 204 9.83 -9.84 25.79
C GLN A 204 11.26 -9.65 26.27
N ALA A 205 12.20 -9.57 25.34
CA ALA A 205 13.59 -9.35 25.70
C ALA A 205 13.64 -7.97 26.37
N GLU A 206 14.63 -7.75 27.21
CA GLU A 206 14.75 -6.47 27.86
C GLU A 206 15.35 -5.54 26.83
N ASP A 207 16.02 -6.14 25.85
CA ASP A 207 16.67 -5.41 24.78
C ASP A 207 16.33 -6.06 23.43
N PRO A 208 15.11 -5.79 22.92
CA PRO A 208 14.61 -6.32 21.64
C PRO A 208 15.53 -6.08 20.44
N GLU A 209 16.12 -4.89 20.37
CA GLU A 209 17.01 -4.53 19.27
C GLU A 209 18.23 -5.44 19.19
N SER A 210 18.85 -5.68 20.33
CA SER A 210 20.05 -6.53 20.36
C SER A 210 19.64 -7.99 20.20
N ALA A 211 18.43 -8.32 20.63
CA ALA A 211 17.94 -9.68 20.51
C ALA A 211 17.74 -10.04 19.03
N ALA A 212 17.18 -9.09 18.29
CA ALA A 212 16.95 -9.29 16.86
C ALA A 212 18.28 -9.32 16.13
N ARG A 213 19.24 -8.56 16.63
CA ARG A 213 20.56 -8.50 16.03
C ARG A 213 21.31 -9.82 16.18
N LYS A 214 21.15 -10.46 17.35
CA LYS A 214 21.81 -11.74 17.59
C LYS A 214 21.23 -12.79 16.65
N PHE A 215 19.91 -12.82 16.53
CA PHE A 215 19.28 -13.79 15.63
C PHE A 215 19.84 -13.60 14.22
N ARG A 216 19.90 -12.35 13.77
CA ARG A 216 20.40 -12.05 12.43
C ARG A 216 21.80 -12.63 12.18
N GLU A 217 22.69 -12.47 13.14
CA GLU A 217 24.06 -12.97 13.01
C GLU A 217 24.10 -14.50 13.03
N GLU A 218 23.42 -15.09 14.00
CA GLU A 218 23.36 -16.55 14.11
C GLU A 218 22.74 -17.21 12.87
N ILE A 219 21.57 -16.74 12.47
CA ILE A 219 20.88 -17.32 11.33
C ILE A 219 21.70 -17.24 10.05
N GLN A 220 22.35 -16.11 9.80
CA GLN A 220 23.18 -16.00 8.61
C GLN A 220 24.36 -16.97 8.68
N THR A 221 24.91 -17.13 9.88
CA THR A 221 26.04 -18.05 10.07
C THR A 221 25.62 -19.47 9.76
N TYR A 222 24.47 -19.89 10.28
CA TYR A 222 24.04 -21.24 10.04
C TYR A 222 23.49 -21.54 8.66
N LYS A 223 22.92 -20.55 8.00
CA LYS A 223 22.41 -20.78 6.65
C LYS A 223 23.57 -21.00 5.69
N THR A 224 24.69 -20.32 5.96
CA THR A 224 25.89 -20.45 5.14
C THR A 224 26.51 -21.82 5.37
N GLY A 225 26.54 -22.25 6.63
CA GLY A 225 27.12 -23.54 6.95
C GLY A 225 26.08 -24.64 7.13
N HIS B 1 -8.95 2.77 1.32
CA HIS B 1 -8.59 2.57 -0.12
C HIS B 1 -7.45 1.56 -0.25
N GLY B 2 -7.80 0.28 -0.30
CA GLY B 2 -6.80 -0.76 -0.40
C GLY B 2 -6.47 -1.17 -1.82
N ILE B 3 -5.82 -2.33 -1.97
CA ILE B 3 -5.47 -2.79 -3.30
C ILE B 3 -6.72 -3.19 -4.09
N ARG B 4 -6.76 -2.81 -5.36
CA ARG B 4 -7.91 -3.14 -6.18
C ARG B 4 -7.69 -4.40 -6.99
N MET B 5 -8.72 -5.24 -7.01
CA MET B 5 -8.68 -6.49 -7.73
C MET B 5 -9.59 -6.37 -8.96
N THR B 6 -10.14 -5.17 -9.13
CA THR B 6 -10.99 -4.84 -10.27
C THR B 6 -10.94 -3.33 -10.38
N ARG B 7 -11.13 -2.80 -11.58
CA ARG B 7 -11.09 -1.37 -11.75
C ARG B 7 -12.22 -0.69 -10.97
N ILE B 8 -11.93 0.50 -10.47
CA ILE B 8 -12.87 1.29 -9.68
C ILE B 8 -14.14 1.64 -10.46
N SER B 9 -15.26 1.66 -9.77
CA SER B 9 -16.51 1.96 -10.46
C SER B 9 -16.58 3.43 -10.90
N ARG B 10 -17.28 3.64 -12.00
CA ARG B 10 -17.48 4.96 -12.55
C ARG B 10 -18.15 5.85 -11.49
N GLU B 11 -19.07 5.27 -10.74
CA GLU B 11 -19.77 6.03 -9.70
C GLU B 11 -18.85 6.47 -8.56
N MET B 12 -17.87 5.66 -8.20
CA MET B 12 -16.96 6.03 -7.12
C MET B 12 -15.91 6.98 -7.69
N MET B 13 -15.49 6.73 -8.92
CA MET B 13 -14.48 7.57 -9.53
C MET B 13 -14.92 9.04 -9.62
N LYS B 14 -16.18 9.25 -10.00
CA LYS B 14 -16.69 10.61 -10.12
C LYS B 14 -16.83 11.30 -8.76
N GLU B 15 -17.09 10.52 -7.72
CA GLU B 15 -17.23 11.08 -6.38
C GLU B 15 -15.87 11.64 -5.95
N LEU B 16 -14.82 10.88 -6.23
CA LEU B 16 -13.45 11.24 -5.90
C LEU B 16 -12.88 12.50 -6.58
N LEU B 17 -13.36 12.81 -7.77
CA LEU B 17 -12.87 13.97 -8.52
C LEU B 17 -13.39 15.34 -8.07
N SER B 18 -14.47 15.36 -7.30
CA SER B 18 -15.08 16.60 -6.82
C SER B 18 -14.10 17.73 -6.55
N VAL B 19 -13.19 17.54 -5.60
CA VAL B 19 -12.18 18.56 -5.28
C VAL B 19 -10.80 17.89 -5.30
N TYR B 20 -10.20 17.86 -6.49
CA TYR B 20 -8.91 17.23 -6.76
C TYR B 20 -7.71 18.15 -6.60
N PHE B 21 -7.13 18.17 -5.40
CA PHE B 21 -5.97 19.02 -5.09
C PHE B 21 -4.66 18.45 -5.60
N ILE B 22 -3.94 19.26 -6.37
CA ILE B 22 -2.65 18.86 -6.91
C ILE B 22 -1.62 19.79 -6.30
N MET B 23 -0.51 19.24 -5.81
CA MET B 23 0.51 20.11 -5.23
C MET B 23 1.91 19.51 -5.17
N GLY B 24 2.89 20.40 -5.13
CA GLY B 24 4.29 20.03 -5.01
C GLY B 24 4.88 21.01 -4.02
N SER B 25 6.05 20.71 -3.47
CA SER B 25 6.68 21.60 -2.50
C SER B 25 6.91 23.02 -3.04
N ASN B 26 7.11 23.17 -4.35
CA ASN B 26 7.35 24.48 -4.93
C ASN B 26 6.06 25.21 -5.32
N ASN B 27 4.92 24.68 -4.90
CA ASN B 27 3.64 25.31 -5.20
C ASN B 27 3.12 26.13 -4.03
N THR B 28 3.94 26.28 -2.99
CA THR B 28 3.52 27.05 -1.82
C THR B 28 4.73 27.57 -1.07
N LYS B 29 4.56 28.70 -0.41
CA LYS B 29 5.64 29.28 0.37
C LYS B 29 5.52 28.80 1.81
N ALA B 30 4.37 28.22 2.15
CA ALA B 30 4.15 27.70 3.49
C ALA B 30 4.77 26.33 3.60
N ASP B 31 4.51 25.65 4.70
CA ASP B 31 5.05 24.30 4.88
C ASP B 31 4.25 23.32 4.03
N PRO B 32 4.91 22.70 3.03
CA PRO B 32 4.30 21.73 2.12
C PRO B 32 3.37 20.68 2.72
N VAL B 33 3.87 19.93 3.71
CA VAL B 33 3.04 18.87 4.31
C VAL B 33 1.81 19.46 4.99
N THR B 34 2.00 20.56 5.72
CA THR B 34 0.91 21.20 6.42
C THR B 34 -0.20 21.66 5.47
N VAL B 35 0.19 22.23 4.34
CA VAL B 35 -0.77 22.71 3.36
C VAL B 35 -1.65 21.57 2.85
N VAL B 36 -1.01 20.45 2.51
CA VAL B 36 -1.73 19.29 2.03
C VAL B 36 -2.72 18.82 3.09
N GLN B 37 -2.26 18.82 4.35
CA GLN B 37 -3.09 18.38 5.46
C GLN B 37 -4.33 19.27 5.61
N LYS B 38 -4.13 20.58 5.55
CA LYS B 38 -5.24 21.51 5.69
C LYS B 38 -6.25 21.36 4.54
N ALA B 39 -5.73 21.06 3.35
CA ALA B 39 -6.58 20.89 2.17
C ALA B 39 -7.47 19.68 2.42
N LEU B 40 -6.85 18.57 2.83
CA LEU B 40 -7.59 17.36 3.11
C LEU B 40 -8.58 17.63 4.22
N LYS B 41 -8.14 18.38 5.22
CA LYS B 41 -8.96 18.73 6.37
C LYS B 41 -10.13 19.59 5.92
N GLY B 42 -9.92 20.37 4.87
CA GLY B 42 -10.96 21.25 4.36
C GLY B 42 -11.98 20.56 3.47
N GLY B 43 -11.63 19.42 2.90
CA GLY B 43 -12.57 18.70 2.06
C GLY B 43 -12.11 18.16 0.71
N ALA B 44 -10.81 18.26 0.43
CA ALA B 44 -10.29 17.74 -0.83
C ALA B 44 -10.72 16.26 -0.91
N THR B 45 -11.22 15.85 -2.06
CA THR B 45 -11.67 14.46 -2.22
C THR B 45 -10.61 13.58 -2.85
N LEU B 46 -9.54 14.21 -3.31
CA LEU B 46 -8.46 13.47 -3.95
C LEU B 46 -7.23 14.35 -3.99
N TYR B 47 -6.07 13.73 -3.95
CA TYR B 47 -4.83 14.50 -4.00
C TYR B 47 -3.82 13.87 -4.95
N GLN B 48 -3.08 14.73 -5.63
CA GLN B 48 -2.06 14.27 -6.56
C GLN B 48 -0.69 14.85 -6.21
N PHE B 49 0.28 13.96 -6.09
CA PHE B 49 1.64 14.34 -5.78
C PHE B 49 2.30 14.71 -7.11
N ARG B 50 2.54 16.00 -7.30
CA ARG B 50 3.14 16.49 -8.51
C ARG B 50 4.33 17.38 -8.14
N GLU B 51 5.52 16.79 -8.20
CA GLU B 51 6.77 17.47 -7.84
C GLU B 51 7.63 17.61 -9.10
N LYS B 52 7.48 18.73 -9.79
CA LYS B 52 8.23 18.95 -11.03
C LYS B 52 8.71 20.39 -11.17
N GLY B 53 9.44 20.64 -12.25
CA GLY B 53 9.93 21.98 -12.52
C GLY B 53 11.15 22.36 -11.71
N GLY B 54 11.56 23.62 -11.84
CA GLY B 54 12.72 24.10 -11.09
C GLY B 54 12.45 24.17 -9.60
N ASP B 55 13.48 23.91 -8.81
CA ASP B 55 13.36 23.93 -7.36
C ASP B 55 12.50 22.79 -6.85
N ALA B 56 12.20 21.83 -7.72
CA ALA B 56 11.43 20.67 -7.29
C ALA B 56 12.44 19.82 -6.51
N LEU B 57 11.94 19.08 -5.53
CA LEU B 57 12.80 18.23 -4.72
C LEU B 57 13.28 17.04 -5.56
N THR B 58 14.38 16.41 -5.14
CA THR B 58 14.92 15.25 -5.85
C THR B 58 15.38 14.19 -4.86
N GLY B 59 15.67 13.00 -5.37
CA GLY B 59 16.14 11.92 -4.52
C GLY B 59 15.36 11.72 -3.23
N GLU B 60 16.10 11.54 -2.14
CA GLU B 60 15.53 11.32 -0.82
C GLU B 60 14.54 12.38 -0.37
N ALA B 61 14.87 13.65 -0.56
CA ALA B 61 13.95 14.72 -0.15
C ALA B 61 12.62 14.55 -0.88
N ARG B 62 12.71 14.15 -2.14
CA ARG B 62 11.53 13.94 -2.96
C ARG B 62 10.67 12.78 -2.43
N ILE B 63 11.28 11.61 -2.23
CA ILE B 63 10.53 10.46 -1.72
C ILE B 63 9.95 10.72 -0.34
N LYS B 64 10.76 11.30 0.55
CA LYS B 64 10.31 11.61 1.90
C LYS B 64 9.09 12.50 1.93
N PHE B 65 9.09 13.55 1.11
CA PHE B 65 7.95 14.43 1.10
C PHE B 65 6.73 13.66 0.62
N ALA B 66 6.94 12.82 -0.40
CA ALA B 66 5.87 12.00 -0.94
C ALA B 66 5.24 11.13 0.14
N GLU B 67 6.08 10.40 0.88
CA GLU B 67 5.57 9.53 1.94
C GLU B 67 4.72 10.31 2.95
N LYS B 68 5.21 11.48 3.36
CA LYS B 68 4.47 12.32 4.31
C LYS B 68 3.10 12.66 3.73
N ALA B 69 3.09 13.07 2.47
CA ALA B 69 1.84 13.43 1.80
C ALA B 69 0.93 12.22 1.74
N GLN B 70 1.50 11.04 1.50
CA GLN B 70 0.72 9.81 1.43
C GLN B 70 0.12 9.52 2.78
N ALA B 71 0.91 9.72 3.83
CA ALA B 71 0.44 9.48 5.19
C ALA B 71 -0.71 10.40 5.52
N ALA B 72 -0.62 11.64 5.07
CA ALA B 72 -1.67 12.62 5.31
C ALA B 72 -2.95 12.15 4.61
N CYS B 73 -2.82 11.60 3.41
CA CYS B 73 -3.99 11.12 2.69
C CYS B 73 -4.59 9.94 3.42
N ARG B 74 -3.73 9.06 3.94
CA ARG B 74 -4.21 7.91 4.67
C ARG B 74 -4.96 8.37 5.95
N GLU B 75 -4.37 9.28 6.69
CA GLU B 75 -5.03 9.74 7.91
C GLU B 75 -6.38 10.37 7.58
N ALA B 76 -6.53 10.85 6.36
CA ALA B 76 -7.77 11.49 5.94
C ALA B 76 -8.74 10.62 5.13
N GLY B 77 -8.35 9.38 4.85
CA GLY B 77 -9.22 8.51 4.08
C GLY B 77 -9.37 8.95 2.64
N VAL B 78 -8.34 9.61 2.11
CA VAL B 78 -8.37 10.12 0.74
C VAL B 78 -7.29 9.46 -0.12
N PRO B 79 -7.65 9.03 -1.35
CA PRO B 79 -6.72 8.38 -2.28
C PRO B 79 -5.53 9.25 -2.66
N PHE B 80 -4.35 8.63 -2.66
CA PHE B 80 -3.10 9.30 -3.00
C PHE B 80 -2.74 8.99 -4.45
N ILE B 81 -2.71 10.01 -5.30
CA ILE B 81 -2.37 9.81 -6.71
C ILE B 81 -1.00 10.36 -7.04
N VAL B 82 -0.20 9.56 -7.76
CA VAL B 82 1.14 9.98 -8.17
C VAL B 82 1.10 10.41 -9.63
N ASN B 83 1.81 11.50 -9.94
CA ASN B 83 1.88 12.02 -11.29
C ASN B 83 3.15 11.57 -12.02
N ASP B 84 3.00 11.20 -13.29
CA ASP B 84 4.13 10.81 -14.13
C ASP B 84 4.91 9.54 -13.80
N ASP B 85 5.50 9.50 -12.61
CA ASP B 85 6.34 8.37 -12.17
C ASP B 85 5.62 7.07 -11.79
N VAL B 86 5.49 6.17 -12.76
CA VAL B 86 4.82 4.88 -12.55
C VAL B 86 5.52 3.99 -11.51
N GLU B 87 6.84 3.96 -11.56
CA GLU B 87 7.61 3.14 -10.61
C GLU B 87 7.32 3.60 -9.20
N LEU B 88 7.44 4.91 -8.99
CA LEU B 88 7.18 5.47 -7.68
C LEU B 88 5.79 5.04 -7.24
N ALA B 89 4.83 5.17 -8.16
CA ALA B 89 3.45 4.79 -7.87
C ALA B 89 3.42 3.35 -7.38
N LEU B 90 4.27 2.51 -7.97
CA LEU B 90 4.34 1.11 -7.59
C LEU B 90 5.08 0.90 -6.26
N ASN B 91 6.19 1.61 -6.08
CA ASN B 91 6.98 1.47 -4.86
C ASN B 91 6.34 2.00 -3.60
N LEU B 92 5.53 3.05 -3.73
CA LEU B 92 4.88 3.60 -2.56
C LEU B 92 3.52 2.96 -2.38
N LYS B 93 3.10 2.17 -3.36
CA LYS B 93 1.79 1.51 -3.32
C LYS B 93 0.71 2.57 -3.34
N ALA B 94 0.82 3.48 -4.31
CA ALA B 94 -0.13 4.58 -4.46
C ALA B 94 -1.50 4.09 -4.89
N ASP B 95 -2.53 4.89 -4.64
CA ASP B 95 -3.89 4.53 -5.00
C ASP B 95 -4.16 4.72 -6.49
N GLY B 96 -3.24 5.40 -7.17
CA GLY B 96 -3.43 5.63 -8.59
C GLY B 96 -2.31 6.46 -9.17
N ILE B 97 -2.34 6.62 -10.49
CA ILE B 97 -1.32 7.41 -11.15
C ILE B 97 -1.93 8.21 -12.29
N HIS B 98 -1.32 9.36 -12.58
CA HIS B 98 -1.78 10.20 -13.67
C HIS B 98 -0.66 10.44 -14.69
N ILE B 99 -1.02 10.41 -15.97
CA ILE B 99 -0.06 10.61 -17.03
C ILE B 99 -0.62 11.52 -18.13
N GLY B 100 0.27 12.05 -18.95
CA GLY B 100 -0.15 12.91 -20.03
C GLY B 100 0.26 12.33 -21.37
N GLN B 101 -0.03 13.08 -22.44
CA GLN B 101 0.28 12.66 -23.80
C GLN B 101 1.75 12.46 -24.08
N GLU B 102 2.61 13.18 -23.35
CA GLU B 102 4.05 13.03 -23.56
C GLU B 102 4.71 12.10 -22.56
N ASP B 103 3.90 11.41 -21.78
CA ASP B 103 4.38 10.46 -20.78
C ASP B 103 4.23 9.05 -21.34
N ALA B 104 4.44 8.03 -20.51
CA ALA B 104 4.31 6.65 -20.99
C ALA B 104 2.93 6.38 -21.56
N ASN B 105 2.89 5.45 -22.52
CA ASN B 105 1.65 5.05 -23.18
C ASN B 105 0.64 4.52 -22.15
N ALA B 106 -0.61 4.97 -22.28
CA ALA B 106 -1.68 4.58 -21.36
C ALA B 106 -1.91 3.07 -21.28
N LYS B 107 -1.83 2.37 -22.42
CA LYS B 107 -2.04 0.92 -22.41
C LYS B 107 -0.96 0.24 -21.57
N GLU B 108 0.30 0.56 -21.82
CA GLU B 108 1.40 -0.02 -21.05
C GLU B 108 1.14 0.18 -19.57
N VAL B 109 0.94 1.45 -19.19
CA VAL B 109 0.70 1.82 -17.81
C VAL B 109 -0.48 1.03 -17.23
N ARG B 110 -1.55 0.92 -18.03
CA ARG B 110 -2.75 0.18 -17.60
C ARG B 110 -2.34 -1.24 -17.21
N ALA B 111 -1.40 -1.80 -17.96
CA ALA B 111 -0.92 -3.15 -17.72
C ALA B 111 0.02 -3.24 -16.53
N ALA B 112 0.85 -2.22 -16.33
CA ALA B 112 1.81 -2.23 -15.25
C ALA B 112 1.26 -1.89 -13.85
N ILE B 113 0.20 -1.09 -13.75
CA ILE B 113 -0.32 -0.73 -12.44
C ILE B 113 -1.52 -1.56 -12.00
N GLY B 114 -1.67 -2.75 -12.56
CA GLY B 114 -2.80 -3.59 -12.20
C GLY B 114 -4.10 -2.82 -12.34
N ASP B 115 -4.91 -2.81 -11.27
CA ASP B 115 -6.18 -2.11 -11.30
C ASP B 115 -6.24 -0.84 -10.48
N MET B 116 -5.09 -0.22 -10.20
CA MET B 116 -5.15 1.02 -9.43
C MET B 116 -5.77 2.07 -10.35
N ILE B 117 -6.10 3.22 -9.77
CA ILE B 117 -6.72 4.30 -10.52
C ILE B 117 -5.76 4.84 -11.55
N LEU B 118 -6.26 5.01 -12.77
CA LEU B 118 -5.45 5.54 -13.87
C LEU B 118 -6.08 6.79 -14.46
N GLY B 119 -5.35 7.90 -14.37
CA GLY B 119 -5.82 9.15 -14.89
C GLY B 119 -4.94 9.56 -16.07
N VAL B 120 -5.59 10.05 -17.12
CA VAL B 120 -4.90 10.45 -18.32
C VAL B 120 -5.27 11.86 -18.74
N ALA B 121 -4.28 12.69 -19.05
CA ALA B 121 -4.56 14.06 -19.48
C ALA B 121 -4.98 14.04 -20.95
N ALA B 122 -6.00 14.83 -21.30
CA ALA B 122 -6.51 14.87 -22.67
C ALA B 122 -6.89 16.29 -23.09
N HIS B 123 -6.76 16.58 -24.38
CA HIS B 123 -7.07 17.91 -24.90
C HIS B 123 -7.92 17.91 -26.17
N THR B 124 -7.98 16.78 -26.86
CA THR B 124 -8.78 16.66 -28.08
C THR B 124 -9.78 15.52 -27.94
N MET B 125 -10.82 15.53 -28.78
CA MET B 125 -11.82 14.47 -28.73
C MET B 125 -11.20 13.10 -28.94
N SER B 126 -10.37 12.98 -29.96
CA SER B 126 -9.74 11.70 -30.25
C SER B 126 -8.95 11.23 -29.04
N GLU B 127 -8.17 12.12 -28.44
CA GLU B 127 -7.38 11.74 -27.27
C GLU B 127 -8.27 11.22 -26.14
N VAL B 128 -9.43 11.84 -25.94
CA VAL B 128 -10.34 11.38 -24.90
C VAL B 128 -10.77 9.95 -25.21
N LYS B 129 -11.22 9.72 -26.44
CA LYS B 129 -11.66 8.39 -26.85
C LYS B 129 -10.55 7.35 -26.76
N GLN B 130 -9.30 7.77 -26.93
CA GLN B 130 -8.15 6.88 -26.86
C GLN B 130 -7.86 6.45 -25.43
N ALA B 131 -8.02 7.39 -24.50
CA ALA B 131 -7.76 7.09 -23.10
C ALA B 131 -8.81 6.15 -22.54
N GLU B 132 -10.06 6.34 -22.95
CA GLU B 132 -11.13 5.47 -22.46
C GLU B 132 -10.88 4.06 -22.96
N GLU B 133 -10.51 3.95 -24.22
CA GLU B 133 -10.25 2.66 -24.81
C GLU B 133 -9.03 2.01 -24.14
N ASP B 134 -8.04 2.85 -23.79
CA ASP B 134 -6.80 2.42 -23.16
C ASP B 134 -6.90 1.94 -21.71
N GLY B 135 -8.05 2.17 -21.06
CA GLY B 135 -8.20 1.74 -19.68
C GLY B 135 -8.13 2.84 -18.63
N ALA B 136 -8.14 4.10 -19.06
CA ALA B 136 -8.09 5.21 -18.12
C ALA B 136 -9.39 5.27 -17.33
N ASP B 137 -9.29 5.44 -16.01
CA ASP B 137 -10.48 5.49 -15.17
C ASP B 137 -11.09 6.88 -15.14
N TYR B 138 -10.36 7.85 -15.67
CA TYR B 138 -10.85 9.22 -15.73
C TYR B 138 -9.88 10.04 -16.55
N VAL B 139 -10.34 11.19 -17.03
CA VAL B 139 -9.50 12.07 -17.82
C VAL B 139 -9.42 13.48 -17.25
N GLY B 140 -8.33 14.16 -17.55
CA GLY B 140 -8.12 15.52 -17.11
C GLY B 140 -8.19 16.38 -18.36
N LEU B 141 -9.23 17.20 -18.44
CA LEU B 141 -9.41 18.05 -19.60
C LEU B 141 -9.07 19.50 -19.28
N GLY B 142 -8.29 20.11 -20.15
CA GLY B 142 -7.88 21.50 -19.97
C GLY B 142 -6.75 21.89 -20.89
N PRO B 143 -6.13 23.06 -20.68
CA PRO B 143 -6.45 24.02 -19.62
C PRO B 143 -7.81 24.67 -19.85
N ILE B 144 -8.64 24.70 -18.81
CA ILE B 144 -9.96 25.31 -18.90
C ILE B 144 -9.77 26.82 -18.91
N TYR B 145 -8.90 27.31 -18.04
CA TYR B 145 -8.64 28.73 -17.92
C TYR B 145 -7.14 29.02 -18.02
N PRO B 146 -6.76 30.30 -18.13
CA PRO B 146 -5.36 30.71 -18.22
C PRO B 146 -4.49 30.21 -17.07
N ARG B 154 -0.24 24.92 -22.23
CA ARG B 154 -1.07 24.40 -23.30
C ARG B 154 -2.06 25.44 -23.81
N ALA B 155 -2.93 25.04 -24.75
CA ALA B 155 -3.92 25.97 -25.31
C ALA B 155 -5.25 25.93 -24.54
N VAL B 156 -5.66 27.09 -24.04
CA VAL B 156 -6.90 27.19 -23.28
C VAL B 156 -8.08 26.77 -24.14
N GLN B 157 -8.94 25.92 -23.57
CA GLN B 157 -10.08 25.41 -24.27
C GLN B 157 -11.42 25.65 -23.58
N GLY B 158 -11.43 26.37 -22.47
CA GLY B 158 -12.69 26.59 -21.77
C GLY B 158 -13.34 25.26 -21.46
N VAL B 159 -14.67 25.23 -21.48
CA VAL B 159 -15.41 23.99 -21.19
C VAL B 159 -15.81 23.29 -22.49
N SER B 160 -15.35 23.81 -23.62
CA SER B 160 -15.68 23.28 -24.93
C SER B 160 -15.44 21.77 -25.13
N LEU B 161 -14.33 21.24 -24.64
CA LEU B 161 -14.08 19.81 -24.84
C LEU B 161 -14.98 19.00 -23.94
N ILE B 162 -15.23 19.52 -22.74
CA ILE B 162 -16.09 18.88 -21.74
C ILE B 162 -17.52 18.77 -22.28
N GLU B 163 -18.05 19.87 -22.82
CA GLU B 163 -19.38 19.86 -23.39
C GLU B 163 -19.43 18.90 -24.58
N ALA B 164 -18.42 18.98 -25.43
CA ALA B 164 -18.34 18.13 -26.62
C ALA B 164 -18.33 16.64 -26.26
N VAL B 165 -17.63 16.30 -25.19
CA VAL B 165 -17.55 14.92 -24.75
C VAL B 165 -18.91 14.40 -24.29
N ARG B 166 -19.63 15.23 -23.52
CA ARG B 166 -20.94 14.82 -23.03
C ARG B 166 -21.99 14.83 -24.11
N ARG B 167 -21.90 15.80 -25.04
CA ARG B 167 -22.86 15.90 -26.11
C ARG B 167 -22.92 14.66 -26.97
N GLN B 168 -21.83 13.91 -27.08
CA GLN B 168 -21.89 12.71 -27.89
C GLN B 168 -21.87 11.40 -27.11
N GLY B 169 -22.48 11.46 -25.92
CA GLY B 169 -22.61 10.28 -25.10
C GLY B 169 -21.46 9.67 -24.32
N ILE B 170 -20.28 10.28 -24.36
CA ILE B 170 -19.18 9.73 -23.60
C ILE B 170 -19.40 10.09 -22.13
N SER B 171 -19.50 9.06 -21.29
CA SER B 171 -19.75 9.26 -19.86
C SER B 171 -18.55 8.99 -18.96
N ILE B 172 -17.37 8.97 -19.54
CA ILE B 172 -16.16 8.73 -18.76
C ILE B 172 -16.07 9.80 -17.64
N PRO B 173 -15.51 9.44 -16.48
CA PRO B 173 -15.39 10.42 -15.40
C PRO B 173 -14.44 11.53 -15.84
N ILE B 174 -14.86 12.77 -15.69
CA ILE B 174 -14.07 13.93 -16.12
C ILE B 174 -13.77 14.95 -15.03
N VAL B 175 -12.52 15.40 -14.98
CA VAL B 175 -12.13 16.45 -14.05
C VAL B 175 -11.48 17.59 -14.83
N GLY B 176 -11.94 18.81 -14.56
CA GLY B 176 -11.39 19.96 -15.23
C GLY B 176 -10.12 20.47 -14.55
N ILE B 177 -9.16 20.90 -15.35
CA ILE B 177 -7.89 21.42 -14.82
C ILE B 177 -7.47 22.68 -15.59
N GLY B 178 -6.78 23.59 -14.92
CA GLY B 178 -6.34 24.81 -15.56
C GLY B 178 -6.97 26.09 -15.04
N GLY B 179 -6.20 26.85 -14.26
CA GLY B 179 -6.68 28.12 -13.72
C GLY B 179 -8.05 28.11 -13.08
N ILE B 180 -8.36 27.05 -12.35
CA ILE B 180 -9.66 26.94 -11.68
C ILE B 180 -9.64 27.53 -10.28
N THR B 181 -10.57 28.45 -10.05
CA THR B 181 -10.70 29.11 -8.77
C THR B 181 -12.11 28.87 -8.23
N ILE B 182 -12.34 29.29 -6.99
CA ILE B 182 -13.65 29.13 -6.37
C ILE B 182 -14.69 29.92 -7.15
N ASP B 183 -14.27 31.02 -7.75
CA ASP B 183 -15.15 31.87 -8.54
C ASP B 183 -15.55 31.24 -9.86
N ASN B 184 -14.58 30.66 -10.57
CA ASN B 184 -14.87 30.05 -11.86
C ASN B 184 -15.04 28.53 -11.92
N ALA B 185 -15.42 27.91 -10.81
CA ALA B 185 -15.59 26.45 -10.81
C ALA B 185 -16.96 25.92 -11.28
N ALA B 186 -18.05 26.49 -10.75
CA ALA B 186 -19.40 26.04 -11.11
C ALA B 186 -19.62 25.72 -12.59
N PRO B 187 -19.21 26.62 -13.51
CA PRO B 187 -19.42 26.33 -14.93
C PRO B 187 -18.79 25.03 -15.38
N VAL B 188 -17.62 24.71 -14.83
CA VAL B 188 -16.92 23.49 -15.19
C VAL B 188 -17.81 22.30 -14.88
N ILE B 189 -18.41 22.33 -13.70
CA ILE B 189 -19.32 21.26 -13.29
C ILE B 189 -20.57 21.30 -14.14
N GLN B 190 -20.98 22.51 -14.51
CA GLN B 190 -22.16 22.69 -15.33
C GLN B 190 -21.94 22.20 -16.74
N ALA B 191 -20.71 22.27 -17.22
CA ALA B 191 -20.42 21.78 -18.55
C ALA B 191 -20.59 20.27 -18.50
N GLY B 192 -20.44 19.72 -17.29
CA GLY B 192 -20.58 18.28 -17.12
C GLY B 192 -19.42 17.60 -16.41
N ALA B 193 -18.38 18.35 -16.07
CA ALA B 193 -17.25 17.72 -15.36
C ALA B 193 -17.76 17.16 -14.04
N ASP B 194 -17.07 16.16 -13.50
CA ASP B 194 -17.49 15.55 -12.23
C ASP B 194 -16.75 16.15 -11.03
N GLY B 195 -15.85 17.07 -11.30
CA GLY B 195 -15.10 17.72 -10.24
C GLY B 195 -14.09 18.66 -10.83
N VAL B 196 -13.40 19.40 -9.99
CA VAL B 196 -12.38 20.33 -10.45
C VAL B 196 -11.06 20.04 -9.75
N SER B 197 -9.97 20.29 -10.47
CA SER B 197 -8.63 20.07 -9.93
C SER B 197 -7.95 21.43 -9.91
N MET B 198 -7.18 21.71 -8.85
CA MET B 198 -6.51 22.98 -8.74
C MET B 198 -5.23 22.92 -7.92
N ILE B 199 -4.35 23.89 -8.15
CA ILE B 199 -3.11 23.99 -7.42
C ILE B 199 -3.10 25.30 -6.65
N SER B 200 -2.65 26.36 -7.31
CA SER B 200 -2.54 27.69 -6.71
C SER B 200 -3.74 28.17 -5.88
N ALA B 201 -4.96 27.86 -6.31
CA ALA B 201 -6.17 28.30 -5.60
C ALA B 201 -6.23 27.86 -4.15
N ILE B 202 -5.50 26.81 -3.81
CA ILE B 202 -5.46 26.32 -2.44
C ILE B 202 -4.06 26.46 -1.85
N SER B 203 -3.05 26.05 -2.62
CA SER B 203 -1.66 26.11 -2.17
C SER B 203 -1.13 27.50 -1.84
N GLN B 204 -1.67 28.50 -2.53
CA GLN B 204 -1.27 29.90 -2.35
C GLN B 204 -2.23 30.64 -1.41
N ALA B 205 -3.38 30.05 -1.14
CA ALA B 205 -4.37 30.65 -0.26
C ALA B 205 -3.86 30.77 1.18
N GLU B 206 -4.15 31.91 1.80
CA GLU B 206 -3.73 32.15 3.17
C GLU B 206 -4.39 31.13 4.12
N ASP B 207 -5.58 30.69 3.76
CA ASP B 207 -6.33 29.73 4.56
C ASP B 207 -6.69 28.50 3.71
N PRO B 208 -5.70 27.62 3.44
CA PRO B 208 -5.85 26.40 2.64
C PRO B 208 -7.04 25.52 2.99
N GLU B 209 -7.32 25.41 4.28
CA GLU B 209 -8.44 24.61 4.74
C GLU B 209 -9.77 25.25 4.31
N SER B 210 -9.89 26.56 4.52
CA SER B 210 -11.11 27.24 4.13
C SER B 210 -11.24 27.27 2.61
N ALA B 211 -10.10 27.31 1.92
CA ALA B 211 -10.10 27.32 0.47
C ALA B 211 -10.70 26.00 0.01
N ALA B 212 -10.16 24.92 0.56
CA ALA B 212 -10.63 23.59 0.24
C ALA B 212 -12.12 23.46 0.57
N ARG B 213 -12.48 23.87 1.79
CA ARG B 213 -13.86 23.80 2.26
C ARG B 213 -14.86 24.51 1.36
N LYS B 214 -14.55 25.74 0.96
CA LYS B 214 -15.46 26.47 0.09
C LYS B 214 -15.59 25.75 -1.25
N PHE B 215 -14.47 25.21 -1.73
CA PHE B 215 -14.45 24.46 -2.99
C PHE B 215 -15.40 23.28 -2.90
N ARG B 216 -15.41 22.63 -1.74
CA ARG B 216 -16.26 21.47 -1.52
C ARG B 216 -17.75 21.78 -1.55
N GLU B 217 -18.17 22.85 -0.88
CA GLU B 217 -19.58 23.20 -0.87
C GLU B 217 -20.05 23.75 -2.20
N GLU B 218 -19.22 24.57 -2.86
CA GLU B 218 -19.59 25.12 -4.15
C GLU B 218 -19.83 23.99 -5.15
N ILE B 219 -18.93 23.00 -5.14
CA ILE B 219 -19.04 21.85 -6.04
C ILE B 219 -20.19 20.94 -5.66
N GLN B 220 -20.28 20.57 -4.38
CA GLN B 220 -21.36 19.70 -3.93
C GLN B 220 -22.73 20.26 -4.32
N THR B 221 -22.83 21.57 -4.40
CA THR B 221 -24.09 22.20 -4.75
C THR B 221 -24.42 22.03 -6.24
N TYR B 222 -23.42 22.15 -7.10
CA TYR B 222 -23.69 22.00 -8.52
C TYR B 222 -23.75 20.55 -8.94
N LYS B 223 -23.15 19.66 -8.15
CA LYS B 223 -23.19 18.25 -8.48
C LYS B 223 -24.54 17.65 -8.12
N THR B 224 -25.16 18.18 -7.08
CA THR B 224 -26.46 17.67 -6.66
C THR B 224 -27.55 18.17 -7.61
N GLY B 225 -27.26 19.27 -8.30
CA GLY B 225 -28.21 19.82 -9.26
C GLY B 225 -28.04 19.29 -10.66
N ARG B 226 -27.17 18.41 -10.90
MG MG C . -4.22 -18.24 12.18
N1A FQP D . 3.38 -19.95 11.26
C2A FQP D . 3.53 -18.59 11.15
CM2 FQP D . 4.69 -18.09 10.41
N3A FQP D . 2.69 -17.74 11.70
C4A FQP D . 1.59 -18.24 12.39
N4A FQP D . 0.78 -17.34 12.91
C5A FQP D . 1.40 -19.69 12.54
C6A FQP D . 2.33 -20.48 11.94
C7A FQP D . 0.24 -20.30 13.29
O2 FQP D . -3.25 -20.03 12.10
P1 FQP D . -2.36 -20.38 13.22
O1 FQP D . -0.98 -19.98 12.58
O3 FQP D . -2.46 -21.76 13.70
O FQP D . -2.66 -19.47 14.49
P2 FQP D . -2.44 -17.97 14.90
O4 FQP D . -0.99 -17.85 14.95
O5 FQP D . -3.09 -17.17 13.86
O6 FQP D . -3.09 -17.96 16.23
F1 FQP D . 5.74 -17.97 11.18
F2 FQP D . 4.42 -16.91 9.90
F3 FQP D . 4.99 -18.92 9.43
MG MG E . 2.61 14.40 -17.01
N1A FQP F . -4.89 16.60 -15.44
C2A FQP F . -4.63 16.20 -14.15
CM2 FQP F . -5.77 15.84 -13.30
N3A FQP F . -3.40 16.13 -13.67
C4A FQP F . -2.34 16.48 -14.51
N4A FQP F . -1.13 16.40 -13.97
C5A FQP F . -2.57 16.92 -15.87
C6A FQP F . -3.88 16.96 -16.28
C7A FQP F . -1.47 17.34 -16.81
O2 FQP F . 1.04 15.11 -18.39
P1 FQP F . 0.53 16.49 -18.21
O1 FQP F . -0.68 16.22 -17.23
O3 FQP F . 0.17 17.21 -19.46
O FQP F . 1.62 17.42 -17.51
P2 FQP F . 2.26 17.54 -16.07
O4 FQP F . 1.12 17.76 -15.21
O5 FQP F . 2.96 16.27 -15.82
O6 FQP F . 3.11 18.75 -16.25
F1 FQP F . -5.41 15.11 -12.27
F2 FQP F . -6.69 15.17 -13.98
F3 FQP F . -6.29 16.95 -12.83
#